data_8HZF
#
_entry.id   8HZF
#
_cell.length_a   84.634
_cell.length_b   47.237
_cell.length_c   56.170
_cell.angle_alpha   90.00
_cell.angle_beta   115.26
_cell.angle_gamma   90.00
#
_symmetry.space_group_name_H-M   'C 1 2 1'
#
loop_
_entity.id
_entity.type
_entity.pdbx_description
1 polymer 'RNA (36-MER)'
2 non-polymer "GUANOSINE-5'-TRIPHOSPHATE"
3 non-polymer 'POTASSIUM ION'
4 non-polymer 'MAGNESIUM ION'
5 non-polymer (5~{Z})-5-[[3,5-bis(fluoranyl)-4-oxidanyl-phenyl]methylidene]-2-[(~{E})-2-(4-hydroxyphenyl)ethenyl]-3-methyl-imidazol-4-one
6 water water
#
_entity_poly.entity_id   1
_entity_poly.type   'polyribonucleotide'
_entity_poly.pdbx_seq_one_letter_code
;GAAGAUUGUAAACAUGCCGAAAGGCAGACACUUCC
;
_entity_poly.pdbx_strand_id   A,B
#
loop_
_chem_comp.id
_chem_comp.type
_chem_comp.name
_chem_comp.formula
A RNA linking ADENOSINE-5'-MONOPHOSPHATE 'C10 H14 N5 O7 P'
C RNA linking CYTIDINE-5'-MONOPHOSPHATE 'C9 H14 N3 O8 P'
G RNA linking GUANOSINE-5'-MONOPHOSPHATE 'C10 H14 N5 O8 P'
GTP non-polymer GUANOSINE-5'-TRIPHOSPHATE 'C10 H16 N5 O14 P3'
K non-polymer 'POTASSIUM ION' 'K 1'
MG non-polymer 'MAGNESIUM ION' 'Mg 2'
NJL non-polymer (5~{Z})-5-[[3,5-bis(fluoranyl)-4-oxidanyl-phenyl]methylidene]-2-[(~{E})-2-(4-hydroxyphenyl)ethenyl]-3-methyl-imidazol-4-one 'C19 H14 F2 N2 O3'
U RNA linking URIDINE-5'-MONOPHOSPHATE 'C9 H13 N2 O9 P'
#
# COMPACT_ATOMS: atom_id res chain seq x y z
PG GTP C . -26.43 7.19 -27.16
O1G GTP C . -26.58 6.86 -25.68
O2G GTP C . -27.80 7.18 -27.81
O3G GTP C . -25.51 6.16 -27.79
O3B GTP C . -25.80 8.65 -27.35
PB GTP C . -24.62 9.21 -26.40
O1B GTP C . -23.56 8.13 -26.29
O2B GTP C . -24.05 10.52 -26.86
O3A GTP C . -25.39 9.38 -25.00
PA GTP C . -24.85 8.66 -23.69
O1A GTP C . -23.36 8.44 -23.74
O2A GTP C . -25.60 7.39 -23.36
O5' GTP C . -25.17 9.85 -22.67
C5' GTP C . -25.67 11.06 -23.16
C4' GTP C . -26.87 11.45 -22.32
O4' GTP C . -28.02 10.78 -22.82
C3' GTP C . -26.79 11.04 -20.86
O3' GTP C . -26.10 11.97 -20.05
C2' GTP C . -28.26 10.97 -20.50
O2' GTP C . -28.68 12.23 -20.04
C1' GTP C . -28.97 10.62 -21.80
N9 GTP C . -29.21 9.19 -21.78
C8 GTP C . -28.62 8.27 -22.60
N7 GTP C . -29.10 7.05 -22.28
C5 GTP C . -30.00 7.18 -21.25
C6 GTP C . -30.78 6.25 -20.54
O6 GTP C . -30.75 5.03 -20.79
N1 GTP C . -31.61 6.70 -19.54
C2 GTP C . -31.67 8.05 -19.24
N2 GTP C . -32.47 8.49 -18.27
N3 GTP C . -30.90 8.96 -19.95
C4 GTP C . -30.08 8.52 -20.94
K K D . 5.27 -8.78 3.90
MG MG E . 7.42 -7.21 -5.03
MG MG F . -0.38 -8.01 8.87
C10 NJL G . -11.38 -1.77 -15.13
N12 NJL G . -11.82 -2.97 -15.59
C15 NJL G . -11.53 -1.35 -13.74
C17 NJL G . -11.98 0.60 -12.14
C20 NJL G . -12.32 2.13 -9.87
C21 NJL G . -12.71 0.79 -9.86
C22 NJL G . -12.55 0.02 -11.02
C01 NJL G . -9.29 -0.10 -20.25
C02 NJL G . -8.84 1.14 -20.73
C03 NJL G . -9.05 2.32 -20.05
C04 NJL G . -9.73 2.22 -18.86
C05 NJL G . -10.17 1.02 -18.33
C06 NJL G . -9.96 -0.17 -19.03
C07 NJL G . -10.43 -1.45 -18.48
C08 NJL G . -10.87 -1.81 -17.25
C09 NJL G . -11.54 -3.10 -16.93
C14 NJL G . -12.50 -3.99 -14.80
C16 NJL G . -11.78 -0.10 -13.43
C18 NJL G . -11.60 1.93 -12.11
C19 NJL G . -11.76 2.71 -10.99
F23 NJL G . -9.93 3.39 -18.18
F24 NJL G . -8.16 1.25 -21.91
N11 NJL G . -10.80 -1.05 -16.08
O13 NJL G . -11.83 -4.06 -17.59
O25 NJL G . -8.62 3.52 -20.53
O26 NJL G . -12.48 2.93 -8.77
PG GTP H . 25.75 -3.03 24.13
O1G GTP H . 26.67 -3.51 25.23
O2G GTP H . 24.50 -2.44 24.75
O3G GTP H . 26.46 -1.96 23.32
O3B GTP H . 25.37 -4.30 23.19
PB GTP H . 26.18 -5.69 23.36
O1B GTP H . 26.03 -6.19 24.78
O2B GTP H . 27.64 -5.48 23.00
O3A GTP H . 25.52 -6.77 22.35
PA GTP H . 26.01 -6.86 20.82
O1A GTP H . 24.92 -7.56 20.02
O2A GTP H . 26.32 -5.48 20.28
O5' GTP H . 27.35 -7.78 20.78
C5' GTP H . 27.71 -8.49 19.61
C4' GTP H . 28.19 -9.92 19.85
O4' GTP H . 28.42 -10.19 21.23
C3' GTP H . 27.17 -10.99 19.43
O3' GTP H . 27.00 -11.18 18.03
C2' GTP H . 27.63 -12.20 20.25
O2' GTP H . 28.73 -12.91 19.73
C1' GTP H . 28.09 -11.54 21.55
N9 GTP H . 26.99 -11.66 22.55
C8 GTP H . 26.39 -10.65 23.26
N7 GTP H . 25.45 -11.17 24.07
C5 GTP H . 25.43 -12.51 23.91
C6 GTP H . 24.67 -13.52 24.49
O6 GTP H . 23.82 -13.25 25.34
N1 GTP H . 24.88 -14.84 24.12
C2 GTP H . 25.83 -15.13 23.18
N2 GTP H . 26.05 -16.38 22.80
N3 GTP H . 26.59 -14.12 22.61
C4 GTP H . 26.39 -12.82 22.96
K K I . -10.74 5.68 -0.46
MG MG J . -4.14 11.76 2.36
MG MG K . 21.13 -2.52 17.94
C10 NJL L . 10.20 0.39 16.66
N12 NJL L . 9.60 0.69 17.86
C15 NJL L . 9.74 -0.60 15.71
C17 NJL L . 10.11 -2.27 13.86
C20 NJL L . 9.36 -3.98 11.79
C21 NJL L . 8.65 -3.98 12.98
C22 NJL L . 9.00 -3.12 14.01
C01 NJL L . 13.73 2.84 15.73
C02 NJL L . 14.72 3.35 14.92
C03 NJL L . 15.37 4.54 15.15
C04 NJL L . 14.95 5.23 16.29
C05 NJL L . 13.95 4.76 17.14
C06 NJL L . 13.33 3.55 16.86
C07 NJL L . 12.29 2.99 17.72
C08 NJL L . 11.38 2.04 17.51
C09 NJL L . 10.31 1.73 18.48
C14 NJL L . 8.44 0.01 18.39
C16 NJL L . 10.52 -1.31 14.91
C18 NJL L . 10.79 -2.27 12.66
C19 NJL L . 10.44 -3.13 11.63
F23 NJL L . 15.57 6.42 16.53
F24 NJL L . 15.10 2.64 13.83
N11 NJL L . 11.26 1.19 16.43
O13 NJL L . 10.05 2.21 19.53
O25 NJL L . 16.35 5.01 14.30
O26 NJL L . 9.00 -4.84 10.74
#